data_7BEH
#
_entry.id   7BEH
#
_cell.length_a   104.020
_cell.length_b   150.860
_cell.length_c   46.000
_cell.angle_alpha   90.000
_cell.angle_beta   90.000
_cell.angle_gamma   90.000
#
_symmetry.space_group_name_H-M   'P 21 21 2'
#
loop_
_entity.id
_entity.type
_entity.pdbx_description
1 polymer 'Spike glycoprotein'
2 polymer 'COVOX-316 heavy chain'
3 polymer 'COVOX-316 light chain'
4 branched 2-acetamido-2-deoxy-beta-D-glucopyranose-(1-4)-[alpha-L-fucopyranose-(1-6)]2-acetamido-2-deoxy-beta-D-glucopyranose
5 non-polymer GLYCEROL
6 non-polymer 2-AMINO-2-HYDROXYMETHYL-PROPANE-1,3-DIOL
7 water water
#
loop_
_entity_poly.entity_id
_entity_poly.type
_entity_poly.pdbx_seq_one_letter_code
_entity_poly.pdbx_strand_id
1 'polypeptide(L)'
;ETGHHHHHHTNLCPFGEVFNATRFASVYAWNRKRISNCVADYSVLYNSASFSTFKCYGVSPTKLNDLCFTNVYADSFVIR
GDEVRQIAPGQTGKIADYNYKLPDDFTGCVIAWNSNNLDSKVGGNYNYLYRLFRKSNLKPFERDISTEIYQAGSTPCNGV
EGFNCYFPLQSYGFQPTNGVGYQPYRVVVLSFELLHAPATVCGKK
;
E
2 'polypeptide(L)'
;ILFLVATATGVHSQVQLVQSGAEVKKPGASVKVSCKASGYTFTGYYMHWVRQAPGQGLEWMGWINPNSGGTNYTQKFQGR
VTMTRDTSISTAYMELSRLRSDDTAVYSCARDMAFSMVRGSFDYWGQGTLVTVSSASTKGPSVFPLAPSSKSTSGGTAAL
GCLVKDYFPEPVTVSWNSGALTSGVHTFPAVLQSSGLYSLSSVVTVPSSSLGTQTYICNVNHKPSNTKVDKKVEPKSCDK
;
H
3 'polypeptide(L)'
;ILFLVATATGVHSQAVLTQPPSASGSPGQSVTISCTGTSSDVGGYNYVSWYQQHPGKAPKLMIYEVSKRPSGVPDRFSGS
KSGNTASLTVSGLQAEDEADYYCSSYAGSNHWVFGGGTKLTVLGQPKAAPTVTLFPPSSEELQANKATLVCLISDFYPGA
VTVAWKADSSPVKAGVETTTPSKQSNNKYAASSYLSLTPEQWKSHRSYSCQVTHEGSTVEKTVAPTECS
;
L
#
# COMPACT_ATOMS: atom_id res chain seq x y z
N THR A 10 0.67 43.84 49.15
CA THR A 10 1.19 42.71 49.92
C THR A 10 0.99 41.40 49.15
N ASN A 11 0.45 41.52 47.94
CA ASN A 11 0.15 40.33 47.14
C ASN A 11 1.42 39.57 46.78
N LEU A 12 1.40 38.26 47.01
CA LEU A 12 2.47 37.40 46.54
C LEU A 12 2.24 37.07 45.07
N CYS A 13 3.33 37.03 44.30
CA CYS A 13 3.21 36.73 42.89
C CYS A 13 2.74 35.29 42.70
N PRO A 14 1.80 35.06 41.79
CA PRO A 14 1.20 33.72 41.62
C PRO A 14 2.09 32.76 40.84
N PHE A 15 3.30 32.52 41.36
CA PHE A 15 4.17 31.52 40.77
C PHE A 15 3.65 30.10 40.96
N GLY A 16 2.78 29.89 41.95
CA GLY A 16 2.24 28.56 42.18
C GLY A 16 1.38 28.07 41.04
N GLU A 17 0.53 28.95 40.49
CA GLU A 17 -0.36 28.55 39.40
C GLU A 17 0.36 28.49 38.05
N VAL A 18 1.64 28.80 37.99
CA VAL A 18 2.45 28.60 36.80
C VAL A 18 3.24 27.30 36.87
N PHE A 19 3.89 27.05 38.01
CA PHE A 19 4.68 25.85 38.17
C PHE A 19 3.81 24.65 38.55
N ASN A 20 3.00 24.79 39.60
CA ASN A 20 2.09 23.74 40.04
C ASN A 20 0.76 23.75 39.29
N ALA A 21 0.74 24.26 38.06
CA ALA A 21 -0.47 24.20 37.25
C ALA A 21 -0.85 22.74 36.97
N THR A 22 -2.15 22.47 36.93
CA THR A 22 -2.61 21.09 36.78
C THR A 22 -2.19 20.51 35.44
N ARG A 23 -2.46 21.22 34.35
CA ARG A 23 -2.07 20.79 33.02
C ARG A 23 -1.27 21.88 32.34
N PHE A 24 -0.36 21.47 31.46
CA PHE A 24 0.51 22.38 30.72
C PHE A 24 0.12 22.40 29.25
N ALA A 25 0.66 23.38 28.54
CA ALA A 25 0.34 23.62 27.14
C ALA A 25 1.35 22.93 26.22
N SER A 26 0.92 22.66 25.00
CA SER A 26 1.83 22.20 23.96
C SER A 26 2.82 23.32 23.62
N VAL A 27 4.00 22.92 23.16
CA VAL A 27 5.05 23.90 22.94
C VAL A 27 4.69 24.85 21.81
N TYR A 28 3.94 24.39 20.81
CA TYR A 28 3.56 25.28 19.72
C TYR A 28 2.58 26.35 20.19
N ALA A 29 1.71 26.02 21.13
CA ALA A 29 0.79 27.00 21.72
C ALA A 29 1.19 27.30 23.15
N TRP A 30 2.48 27.63 23.35
CA TRP A 30 3.00 27.82 24.70
C TRP A 30 2.23 28.93 25.41
N ASN A 31 1.89 28.67 26.66
CA ASN A 31 1.13 29.63 27.46
C ASN A 31 2.06 30.68 28.04
N ARG A 32 1.54 31.91 28.15
CA ARG A 32 2.28 33.02 28.74
C ARG A 32 1.48 33.62 29.87
N LYS A 33 2.10 33.78 31.02
CA LYS A 33 1.51 34.45 32.17
C LYS A 33 2.28 35.73 32.44
N ARG A 34 1.56 36.84 32.60
CA ARG A 34 2.16 38.14 32.88
C ARG A 34 2.04 38.45 34.36
N ILE A 35 3.17 38.52 35.05
CA ILE A 35 3.23 38.75 36.48
C ILE A 35 3.50 40.22 36.74
N SER A 36 2.66 40.86 37.56
CA SER A 36 2.80 42.27 37.81
C SER A 36 2.13 42.63 39.13
N ASN A 37 2.65 43.69 39.76
CA ASN A 37 2.08 44.26 40.99
C ASN A 37 2.02 43.22 42.11
N CYS A 38 3.20 42.71 42.48
CA CYS A 38 3.26 41.67 43.50
C CYS A 38 4.70 41.53 43.99
N VAL A 39 4.85 40.74 45.04
CA VAL A 39 6.15 40.44 45.66
C VAL A 39 6.39 38.95 45.57
N ALA A 40 7.56 38.57 45.03
CA ALA A 40 7.90 37.18 44.85
C ALA A 40 9.26 36.89 45.48
N ASP A 41 9.46 35.64 45.89
CA ASP A 41 10.74 35.17 46.41
C ASP A 41 11.28 34.14 45.45
N TYR A 42 12.24 34.55 44.61
CA TYR A 42 12.88 33.63 43.68
C TYR A 42 13.82 32.67 44.38
N SER A 43 14.22 32.96 45.61
CA SER A 43 15.12 32.06 46.33
C SER A 43 14.42 30.73 46.63
N VAL A 44 13.12 30.77 46.90
CA VAL A 44 12.38 29.54 47.17
C VAL A 44 12.24 28.69 45.91
N LEU A 45 12.03 29.34 44.76
CA LEU A 45 12.08 28.61 43.49
C LEU A 45 13.44 27.96 43.29
N TYR A 46 14.51 28.73 43.46
CA TYR A 46 15.86 28.20 43.32
C TYR A 46 16.17 27.17 44.40
N ASN A 47 15.62 27.36 45.60
CA ASN A 47 15.85 26.42 46.69
C ASN A 47 15.28 25.05 46.37
N SER A 48 14.11 25.02 45.72
CA SER A 48 13.46 23.75 45.41
C SER A 48 14.32 22.90 44.49
N ALA A 49 14.57 21.66 44.90
CA ALA A 49 15.37 20.73 44.12
C ALA A 49 14.55 19.89 43.16
N SER A 50 13.28 20.26 42.94
CA SER A 50 12.45 19.54 41.97
C SER A 50 12.90 19.76 40.54
N PHE A 51 13.73 20.77 40.30
CA PHE A 51 14.10 21.20 38.96
C PHE A 51 15.41 20.56 38.53
N SER A 52 15.42 19.95 37.35
CA SER A 52 16.63 19.40 36.77
C SER A 52 17.37 20.42 35.91
N THR A 53 16.67 21.44 35.43
CA THR A 53 17.28 22.54 34.70
C THR A 53 16.91 23.85 35.37
N PHE A 54 17.92 24.69 35.62
CA PHE A 54 17.69 25.99 36.22
C PHE A 54 18.84 26.93 35.85
N LYS A 55 18.92 27.33 34.58
CA LYS A 55 19.98 28.19 34.09
C LYS A 55 19.41 29.58 33.82
N CYS A 56 20.09 30.60 34.31
CA CYS A 56 19.69 31.99 34.13
C CYS A 56 20.66 32.70 33.19
N TYR A 57 20.15 33.67 32.46
CA TYR A 57 20.93 34.42 31.48
C TYR A 57 20.74 35.91 31.73
N GLY A 58 21.83 36.66 31.64
CA GLY A 58 21.79 38.09 31.86
C GLY A 58 21.53 38.53 33.28
N VAL A 59 21.34 37.59 34.21
CA VAL A 59 21.09 37.90 35.61
C VAL A 59 21.34 36.65 36.42
N SER A 60 21.87 36.83 37.65
CA SER A 60 22.14 35.68 38.50
C SER A 60 20.95 35.39 39.42
N PRO A 61 20.70 34.12 39.72
CA PRO A 61 19.53 33.80 40.57
C PRO A 61 19.68 34.27 42.00
N THR A 62 20.90 34.31 42.54
CA THR A 62 21.08 34.80 43.91
C THR A 62 20.83 36.31 44.02
N LYS A 63 21.12 37.06 42.96
CA LYS A 63 20.82 38.48 42.92
C LYS A 63 19.50 38.77 42.21
N LEU A 64 18.53 37.87 42.36
CA LEU A 64 17.23 38.02 41.71
C LEU A 64 16.12 38.37 42.69
N ASN A 65 16.23 37.98 43.96
CA ASN A 65 15.25 38.34 44.97
C ASN A 65 15.53 39.70 45.60
N ASP A 66 16.29 40.56 44.92
CA ASP A 66 16.55 41.91 45.41
C ASP A 66 16.64 42.92 44.27
N LEU A 67 16.04 42.59 43.13
CA LEU A 67 16.03 43.46 41.96
C LEU A 67 14.60 43.64 41.48
N CYS A 68 14.18 44.88 41.28
CA CYS A 68 12.82 45.20 40.87
C CYS A 68 12.69 45.23 39.36
N PHE A 69 11.58 44.70 38.86
CA PHE A 69 11.25 44.70 37.44
C PHE A 69 9.84 45.25 37.25
N THR A 70 9.57 45.74 36.05
CA THR A 70 8.25 46.26 35.74
C THR A 70 7.27 45.13 35.43
N ASN A 71 7.71 44.13 34.67
CA ASN A 71 6.86 42.98 34.35
C ASN A 71 7.71 41.73 34.31
N VAL A 72 7.10 40.61 34.70
CA VAL A 72 7.71 39.29 34.60
C VAL A 72 6.77 38.40 33.80
N TYR A 73 7.30 37.78 32.75
CA TYR A 73 6.53 36.87 31.91
C TYR A 73 6.92 35.44 32.23
N ALA A 74 5.94 34.60 32.47
CA ALA A 74 6.14 33.19 32.78
C ALA A 74 5.58 32.36 31.63
N ASP A 75 6.47 31.89 30.77
CA ASP A 75 6.10 31.02 29.66
C ASP A 75 6.27 29.58 30.07
N SER A 76 5.24 28.77 29.85
CA SER A 76 5.26 27.36 30.23
C SER A 76 4.76 26.50 29.08
N PHE A 77 5.40 25.34 28.92
CA PHE A 77 5.06 24.40 27.87
C PHE A 77 5.68 23.05 28.22
N VAL A 78 5.51 22.08 27.32
CA VAL A 78 6.03 20.73 27.50
C VAL A 78 6.78 20.32 26.24
N ILE A 79 8.00 19.84 26.42
CA ILE A 79 8.81 19.25 25.36
C ILE A 79 9.41 17.96 25.88
N ARG A 80 10.17 17.28 25.02
CA ARG A 80 10.84 16.05 25.41
C ARG A 80 12.27 16.35 25.84
N GLY A 81 12.92 15.34 26.42
CA GLY A 81 14.22 15.48 27.04
C GLY A 81 15.31 16.13 26.20
N ASP A 82 15.65 15.53 25.06
CA ASP A 82 16.75 16.03 24.24
C ASP A 82 16.47 17.40 23.64
N GLU A 83 15.24 17.91 23.75
CA GLU A 83 14.90 19.24 23.27
C GLU A 83 14.99 20.31 24.34
N VAL A 84 15.25 19.92 25.60
CA VAL A 84 15.36 20.89 26.68
C VAL A 84 16.52 21.84 26.43
N ARG A 85 17.61 21.32 25.87
CA ARG A 85 18.78 22.15 25.60
C ARG A 85 18.50 23.23 24.55
N GLN A 86 17.41 23.10 23.80
CA GLN A 86 17.07 24.08 22.79
C GLN A 86 16.40 25.32 23.38
N ILE A 87 16.03 25.30 24.66
CA ILE A 87 15.39 26.45 25.30
C ILE A 87 16.52 27.28 25.90
N ALA A 88 17.20 28.02 25.03
CA ALA A 88 18.34 28.84 25.40
C ALA A 88 18.61 29.83 24.28
N PRO A 89 19.23 30.96 24.57
CA PRO A 89 19.55 31.91 23.50
C PRO A 89 20.52 31.32 22.49
N GLY A 90 20.19 31.48 21.22
CA GLY A 90 21.10 31.05 20.15
C GLY A 90 21.19 29.55 19.97
N GLN A 91 20.08 28.84 20.06
CA GLN A 91 20.04 27.40 19.85
C GLN A 91 19.22 27.08 18.61
N THR A 92 19.48 25.89 18.06
CA THR A 92 18.85 25.44 16.83
C THR A 92 18.18 24.09 17.06
N GLY A 93 17.13 23.85 16.30
CA GLY A 93 16.36 22.62 16.41
C GLY A 93 14.93 22.88 16.00
N LYS A 94 14.12 21.82 16.06
CA LYS A 94 12.71 21.95 15.69
C LYS A 94 11.97 22.88 16.66
N ILE A 95 12.33 22.86 17.94
CA ILE A 95 11.61 23.64 18.94
C ILE A 95 12.01 25.10 18.88
N ALA A 96 13.31 25.36 18.88
CA ALA A 96 13.79 26.74 18.89
C ALA A 96 13.49 27.47 17.59
N ASP A 97 13.34 26.74 16.48
CA ASP A 97 13.10 27.37 15.20
C ASP A 97 11.62 27.57 14.91
N TYR A 98 10.78 26.59 15.27
CA TYR A 98 9.40 26.55 14.85
C TYR A 98 8.38 26.68 15.97
N ASN A 99 8.80 26.60 17.24
CA ASN A 99 7.86 26.56 18.35
C ASN A 99 8.09 27.68 19.37
N TYR A 100 9.29 27.78 19.93
CA TYR A 100 9.55 28.77 20.97
C TYR A 100 11.00 29.21 20.85
N LYS A 101 11.20 30.48 20.52
CA LYS A 101 12.54 31.03 20.30
C LYS A 101 12.85 32.08 21.34
N LEU A 102 14.04 31.98 21.95
CA LEU A 102 14.54 32.95 22.90
C LEU A 102 15.51 33.91 22.22
N PRO A 103 15.42 35.21 22.51
CA PRO A 103 16.35 36.16 21.90
C PRO A 103 17.76 35.98 22.44
N ASP A 104 18.72 36.55 21.71
CA ASP A 104 20.12 36.43 22.12
C ASP A 104 20.45 37.33 23.31
N ASP A 105 19.76 38.45 23.46
CA ASP A 105 19.91 39.32 24.62
C ASP A 105 18.91 38.97 25.72
N PHE A 106 18.61 37.68 25.89
CA PHE A 106 17.60 37.24 26.83
C PHE A 106 18.07 37.48 28.26
N THR A 107 17.17 38.04 29.08
CA THR A 107 17.41 38.28 30.50
C THR A 107 16.35 37.53 31.29
N GLY A 108 16.71 36.37 31.84
CA GLY A 108 15.77 35.58 32.59
C GLY A 108 16.33 34.21 32.91
N CYS A 109 15.45 33.31 33.34
CA CYS A 109 15.84 31.96 33.73
C CYS A 109 14.98 30.94 33.02
N VAL A 110 15.58 29.77 32.76
CA VAL A 110 14.89 28.65 32.13
C VAL A 110 14.84 27.51 33.14
N ILE A 111 13.62 27.08 33.46
CA ILE A 111 13.39 26.05 34.46
C ILE A 111 12.67 24.88 33.81
N ALA A 112 13.10 23.66 34.13
CA ALA A 112 12.48 22.47 33.59
C ALA A 112 12.58 21.33 34.60
N TRP A 113 11.65 20.38 34.51
CA TRP A 113 11.67 19.20 35.36
C TRP A 113 10.97 18.07 34.64
N ASN A 114 11.39 16.84 34.97
CA ASN A 114 10.86 15.65 34.32
C ASN A 114 9.43 15.39 34.79
N SER A 115 8.50 15.37 33.85
CA SER A 115 7.08 15.17 34.13
C SER A 115 6.58 13.86 33.54
N ASN A 116 7.41 12.81 33.60
CA ASN A 116 7.02 11.52 33.04
C ASN A 116 5.89 10.88 33.82
N ASN A 117 5.80 11.16 35.13
CA ASN A 117 4.74 10.59 35.95
C ASN A 117 3.38 11.22 35.67
N LEU A 118 3.34 12.43 35.11
CA LEU A 118 2.09 13.15 34.86
C LEU A 118 1.67 13.17 33.40
N ASP A 119 2.62 13.31 32.48
CA ASP A 119 2.32 13.56 31.07
C ASP A 119 2.51 12.32 30.19
N SER A 120 2.56 11.13 30.78
CA SER A 120 2.69 9.89 30.04
C SER A 120 1.49 8.99 30.27
N LYS A 121 1.04 8.33 29.20
CA LYS A 121 -0.04 7.36 29.26
C LYS A 121 0.48 6.00 28.82
N VAL A 122 0.01 4.95 29.47
CA VAL A 122 0.24 3.60 28.97
C VAL A 122 -0.48 3.48 27.63
N GLY A 123 0.28 3.42 26.54
CA GLY A 123 -0.25 3.48 25.20
C GLY A 123 0.08 4.77 24.47
N GLY A 124 0.55 5.78 25.19
CA GLY A 124 0.99 7.01 24.57
C GLY A 124 0.09 8.19 24.83
N ASN A 125 0.68 9.32 25.24
CA ASN A 125 -0.05 10.57 25.41
C ASN A 125 0.15 11.39 24.14
N TYR A 126 -0.93 11.56 23.36
CA TYR A 126 -0.87 12.26 22.08
C TYR A 126 -1.50 13.65 22.14
N ASN A 127 -1.62 14.22 23.35
CA ASN A 127 -2.21 15.55 23.50
C ASN A 127 -1.17 16.67 23.38
N TYR A 128 0.10 16.37 23.62
CA TYR A 128 1.18 17.35 23.51
C TYR A 128 1.72 17.32 22.09
N LEU A 129 1.64 18.47 21.40
CA LEU A 129 2.04 18.60 20.01
C LEU A 129 3.22 19.55 19.89
N TYR A 130 3.82 19.54 18.70
CA TYR A 130 4.86 20.50 18.35
C TYR A 130 4.77 20.76 16.84
N ARG A 131 5.15 21.96 16.43
CA ARG A 131 5.14 22.31 15.01
C ARG A 131 6.38 21.70 14.35
N LEU A 132 6.15 20.87 13.32
CA LEU A 132 7.23 20.20 12.61
C LEU A 132 7.63 20.91 11.33
N PHE A 133 6.68 21.53 10.63
CA PHE A 133 6.95 22.24 9.38
C PHE A 133 6.53 23.70 9.51
N ARG A 134 7.37 24.59 8.98
CA ARG A 134 7.09 26.02 8.99
C ARG A 134 7.99 26.68 7.97
N LYS A 135 7.46 27.67 7.25
CA LYS A 135 8.18 28.25 6.12
C LYS A 135 9.42 29.02 6.56
N SER A 136 9.43 29.56 7.77
CA SER A 136 10.58 30.32 8.25
C SER A 136 10.66 30.20 9.77
N ASN A 137 11.76 30.69 10.32
CA ASN A 137 11.99 30.64 11.75
C ASN A 137 11.15 31.69 12.48
N LEU A 138 10.85 31.41 13.74
CA LEU A 138 10.12 32.33 14.57
C LEU A 138 11.01 33.48 15.05
N LYS A 139 10.42 34.66 15.16
CA LYS A 139 11.04 35.73 15.92
C LYS A 139 11.07 35.35 17.39
N PRO A 140 11.95 35.96 18.18
CA PRO A 140 11.95 35.68 19.62
C PRO A 140 10.60 36.02 20.25
N PHE A 141 10.11 35.09 21.08
CA PHE A 141 8.85 35.24 21.81
C PHE A 141 7.63 35.30 20.89
N GLU A 142 7.73 34.70 19.71
CA GLU A 142 6.61 34.63 18.78
C GLU A 142 5.89 33.29 18.92
N ARG A 143 4.57 33.32 18.81
CA ARG A 143 3.74 32.12 18.91
C ARG A 143 3.00 31.92 17.60
N ASP A 144 3.07 30.70 17.06
CA ASP A 144 2.38 30.33 15.83
C ASP A 144 1.46 29.16 16.12
N ILE A 145 0.15 29.41 16.11
CA ILE A 145 -0.84 28.37 16.39
C ILE A 145 -1.69 28.06 15.16
N SER A 146 -1.21 28.41 13.97
CA SER A 146 -1.95 28.12 12.75
C SER A 146 -1.94 26.63 12.46
N THR A 147 -3.02 26.15 11.84
CA THR A 147 -3.18 24.76 11.45
C THR A 147 -3.31 24.62 9.93
N GLU A 148 -2.69 25.53 9.18
CA GLU A 148 -2.74 25.49 7.73
C GLU A 148 -1.85 24.37 7.20
N ILE A 149 -2.23 23.82 6.05
CA ILE A 149 -1.44 22.77 5.41
C ILE A 149 -0.14 23.37 4.89
N TYR A 150 0.98 22.76 5.24
CA TYR A 150 2.29 23.23 4.82
C TYR A 150 2.52 22.88 3.35
N GLN A 151 2.63 23.90 2.51
CA GLN A 151 2.93 23.70 1.09
C GLN A 151 4.42 23.51 0.93
N ALA A 152 4.86 22.25 0.81
CA ALA A 152 6.29 21.98 0.68
C ALA A 152 6.80 22.17 -0.74
N GLY A 153 5.99 21.86 -1.74
CA GLY A 153 6.38 21.96 -3.12
C GLY A 153 5.93 23.26 -3.77
N SER A 154 5.82 23.23 -5.09
CA SER A 154 5.42 24.40 -5.85
C SER A 154 3.92 24.46 -6.12
N THR A 155 3.23 23.31 -6.12
CA THR A 155 1.80 23.28 -6.36
C THR A 155 1.04 23.65 -5.08
N PRO A 156 0.10 24.58 -5.14
CA PRO A 156 -0.67 24.93 -3.95
C PRO A 156 -1.50 23.74 -3.46
N CYS A 157 -1.80 23.77 -2.17
CA CYS A 157 -2.46 22.65 -1.51
C CYS A 157 -3.97 22.81 -1.37
N ASN A 158 -4.47 24.05 -1.37
CA ASN A 158 -5.91 24.33 -1.28
C ASN A 158 -6.54 23.65 -0.07
N GLY A 159 -5.80 23.56 1.04
CA GLY A 159 -6.32 22.91 2.23
C GLY A 159 -6.51 21.42 2.13
N VAL A 160 -5.81 20.76 1.21
CA VAL A 160 -5.92 19.32 1.02
C VAL A 160 -4.59 18.70 1.44
N GLU A 161 -4.67 17.80 2.41
CA GLU A 161 -3.49 17.10 2.90
C GLU A 161 -3.08 16.01 1.92
N GLY A 162 -1.79 15.84 1.74
CA GLY A 162 -1.31 14.79 0.90
C GLY A 162 0.10 15.07 0.40
N PHE A 163 0.31 14.78 -0.88
CA PHE A 163 1.64 14.82 -1.49
C PHE A 163 2.17 16.26 -1.52
N ASN A 164 3.34 16.47 -0.90
CA ASN A 164 3.94 17.80 -0.74
C ASN A 164 2.99 18.78 -0.07
N CYS A 165 2.09 18.26 0.79
CA CYS A 165 1.10 19.05 1.51
C CYS A 165 0.95 18.44 2.89
N TYR A 166 1.78 18.89 3.82
CA TYR A 166 1.92 18.23 5.11
C TYR A 166 1.03 18.88 6.16
N PHE A 167 0.64 18.08 7.14
CA PHE A 167 0.04 18.64 8.34
C PHE A 167 1.16 19.20 9.21
N PRO A 168 1.06 20.45 9.65
CA PRO A 168 2.23 21.11 10.27
C PRO A 168 2.51 20.68 11.71
N LEU A 169 1.60 19.97 12.35
CA LEU A 169 1.76 19.60 13.76
C LEU A 169 1.92 18.10 13.89
N GLN A 170 2.87 17.70 14.74
CA GLN A 170 3.11 16.30 15.06
C GLN A 170 3.02 16.12 16.57
N SER A 171 2.61 14.93 16.99
CA SER A 171 2.42 14.65 18.40
C SER A 171 3.60 13.88 18.97
N TYR A 172 3.95 14.19 20.21
CA TYR A 172 4.94 13.38 20.92
C TYR A 172 4.35 12.02 21.26
N GLY A 173 5.22 11.03 21.37
CA GLY A 173 4.78 9.71 21.78
C GLY A 173 4.41 9.69 23.24
N PHE A 174 5.38 9.98 24.10
CA PHE A 174 5.19 10.06 25.55
C PHE A 174 4.53 8.79 26.11
N GLN A 175 5.34 7.76 26.18
CA GLN A 175 5.03 6.53 26.87
C GLN A 175 5.94 6.38 28.09
N PRO A 176 5.46 5.75 29.16
CA PRO A 176 6.29 5.64 30.37
C PRO A 176 7.62 4.93 30.13
N THR A 177 7.65 3.95 29.22
CA THR A 177 8.86 3.19 28.94
C THR A 177 9.85 3.92 28.05
N ASN A 178 9.58 5.18 27.70
CA ASN A 178 10.49 5.92 26.83
C ASN A 178 11.81 6.19 27.53
N GLY A 179 12.87 6.32 26.72
CA GLY A 179 14.13 6.82 27.25
C GLY A 179 13.98 8.22 27.79
N VAL A 180 14.94 8.59 28.66
CA VAL A 180 14.85 9.88 29.35
C VAL A 180 14.83 11.03 28.34
N GLY A 181 15.59 10.90 27.24
CA GLY A 181 15.58 11.92 26.22
C GLY A 181 14.24 12.04 25.49
N TYR A 182 13.40 11.02 25.57
CA TYR A 182 12.10 11.04 24.93
C TYR A 182 10.95 11.12 25.93
N GLN A 183 11.24 11.39 27.20
CA GLN A 183 10.23 11.58 28.22
C GLN A 183 9.81 13.03 28.27
N PRO A 184 8.60 13.31 28.78
CA PRO A 184 8.13 14.70 28.83
C PRO A 184 8.82 15.51 29.93
N TYR A 185 9.04 16.78 29.63
CA TYR A 185 9.59 17.75 30.57
C TYR A 185 8.74 19.01 30.55
N ARG A 186 8.38 19.51 31.74
CA ARG A 186 7.63 20.75 31.85
C ARG A 186 8.59 21.91 32.04
N VAL A 187 8.52 22.90 31.15
CA VAL A 187 9.45 24.01 31.11
C VAL A 187 8.73 25.29 31.51
N VAL A 188 9.37 26.09 32.36
CA VAL A 188 8.88 27.42 32.72
C VAL A 188 10.01 28.41 32.46
N VAL A 189 9.76 29.38 31.59
CA VAL A 189 10.74 30.39 31.24
C VAL A 189 10.29 31.71 31.85
N LEU A 190 11.06 32.22 32.79
CA LEU A 190 10.81 33.53 33.39
C LEU A 190 11.66 34.56 32.67
N SER A 191 11.03 35.55 32.05
CA SER A 191 11.72 36.68 31.44
C SER A 191 11.35 37.96 32.18
N PHE A 192 12.36 38.75 32.51
CA PHE A 192 12.18 40.00 33.24
C PHE A 192 12.41 41.16 32.29
N GLU A 193 11.48 42.12 32.29
CA GLU A 193 11.61 43.32 31.48
C GLU A 193 11.70 44.53 32.38
N LEU A 194 12.61 45.45 32.03
CA LEU A 194 12.79 46.69 32.77
C LEU A 194 12.29 47.86 31.94
N LEU A 195 10.98 47.88 31.66
CA LEU A 195 10.37 49.01 30.99
C LEU A 195 10.59 50.27 31.81
N HIS A 196 10.85 51.39 31.12
CA HIS A 196 11.02 52.67 31.80
C HIS A 196 9.66 53.07 32.36
N ALA A 197 9.38 52.54 33.55
CA ALA A 197 8.05 52.62 34.15
C ALA A 197 8.17 52.27 35.63
N PRO A 198 7.12 52.48 36.43
CA PRO A 198 7.18 52.06 37.84
C PRO A 198 7.33 50.55 37.99
N ALA A 199 8.49 50.12 38.48
CA ALA A 199 8.78 48.70 38.66
C ALA A 199 7.96 48.16 39.81
N THR A 200 6.98 47.31 39.50
CA THR A 200 6.09 46.76 40.52
C THR A 200 6.56 45.41 41.04
N VAL A 201 6.96 44.50 40.14
CA VAL A 201 7.42 43.18 40.55
C VAL A 201 8.79 43.30 41.21
N CYS A 202 8.81 43.25 42.54
CA CYS A 202 10.05 43.26 43.31
C CYS A 202 10.18 41.95 44.08
N GLY A 203 11.40 41.66 44.52
CA GLY A 203 11.70 40.45 45.24
C GLY A 203 11.88 40.69 46.73
N LYS A 204 11.64 39.64 47.52
CA LYS A 204 11.82 39.71 48.96
C LYS A 204 12.23 38.35 49.52
N GLN B 14 12.10 -2.52 16.50
CA GLN B 14 11.77 -3.23 15.26
C GLN B 14 10.30 -3.06 14.93
N VAL B 15 10.03 -2.64 13.70
CA VAL B 15 8.67 -2.36 13.28
C VAL B 15 7.93 -3.66 13.03
N GLN B 16 6.69 -3.73 13.53
CA GLN B 16 5.82 -4.87 13.31
C GLN B 16 4.40 -4.37 13.04
N LEU B 17 3.82 -4.83 11.94
CA LEU B 17 2.44 -4.51 11.58
C LEU B 17 1.66 -5.83 11.59
N VAL B 18 0.86 -6.03 12.63
CA VAL B 18 0.13 -7.27 12.83
C VAL B 18 -1.34 -7.03 12.49
N GLN B 19 -1.83 -7.77 11.49
CA GLN B 19 -3.20 -7.60 11.01
C GLN B 19 -4.10 -8.68 11.57
N SER B 20 -5.41 -8.44 11.48
CA SER B 20 -6.41 -9.38 11.98
C SER B 20 -6.45 -10.64 11.11
N GLY B 21 -7.17 -11.64 11.61
CA GLY B 21 -7.23 -12.92 10.95
C GLY B 21 -8.04 -12.90 9.66
N ALA B 22 -8.00 -14.04 8.96
CA ALA B 22 -8.69 -14.16 7.68
C ALA B 22 -10.20 -14.11 7.87
N GLU B 23 -10.89 -13.55 6.88
CA GLU B 23 -12.33 -13.37 6.92
C GLU B 23 -12.97 -14.02 5.70
N VAL B 24 -14.13 -14.64 5.90
CA VAL B 24 -14.93 -15.20 4.82
C VAL B 24 -16.24 -14.41 4.77
N LYS B 25 -16.57 -13.89 3.59
CA LYS B 25 -17.72 -13.03 3.42
C LYS B 25 -18.54 -13.48 2.21
N LYS B 26 -19.79 -13.01 2.17
CA LYS B 26 -20.70 -13.20 1.06
C LYS B 26 -20.91 -11.87 0.32
N PRO B 27 -21.23 -11.92 -0.97
CA PRO B 27 -21.41 -10.66 -1.73
C PRO B 27 -22.51 -9.80 -1.14
N GLY B 28 -22.23 -8.50 -1.04
CA GLY B 28 -23.12 -7.56 -0.42
C GLY B 28 -22.80 -7.24 1.03
N ALA B 29 -21.93 -8.02 1.66
CA ALA B 29 -21.59 -7.82 3.06
C ALA B 29 -20.47 -6.78 3.17
N SER B 30 -19.98 -6.55 4.38
CA SER B 30 -18.85 -5.66 4.61
C SER B 30 -17.83 -6.37 5.49
N VAL B 31 -16.60 -5.87 5.45
CA VAL B 31 -15.50 -6.46 6.21
C VAL B 31 -14.68 -5.35 6.84
N LYS B 32 -14.08 -5.63 7.98
CA LYS B 32 -13.23 -4.67 8.68
C LYS B 32 -11.91 -5.35 9.00
N VAL B 33 -10.82 -4.81 8.46
CA VAL B 33 -9.48 -5.34 8.67
C VAL B 33 -8.72 -4.38 9.59
N SER B 34 -8.05 -4.92 10.60
CA SER B 34 -7.26 -4.13 11.53
C SER B 34 -5.78 -4.32 11.25
N CYS B 35 -4.97 -3.39 11.79
CA CYS B 35 -3.53 -3.40 11.55
C CYS B 35 -2.87 -2.67 12.73
N LYS B 36 -2.38 -3.44 13.70
CA LYS B 36 -1.77 -2.87 14.89
C LYS B 36 -0.27 -2.73 14.70
N ALA B 37 0.24 -1.51 14.90
CA ALA B 37 1.64 -1.21 14.73
C ALA B 37 2.37 -1.28 16.05
N SER B 38 3.69 -1.44 15.97
CA SER B 38 4.52 -1.52 17.17
C SER B 38 5.97 -1.27 16.77
N GLY B 39 6.75 -0.78 17.73
CA GLY B 39 8.16 -0.52 17.49
C GLY B 39 8.48 0.87 16.98
N TYR B 40 7.48 1.74 16.84
CA TYR B 40 7.71 3.10 16.37
C TYR B 40 6.53 3.97 16.78
N THR B 41 6.74 5.29 16.72
CA THR B 41 5.68 6.25 17.01
C THR B 41 4.61 6.15 15.94
N PHE B 42 3.44 5.60 16.32
CA PHE B 42 2.42 5.27 15.33
C PHE B 42 1.95 6.49 14.55
N THR B 43 1.93 7.66 15.18
CA THR B 43 1.45 8.87 14.54
C THR B 43 2.46 9.49 13.58
N GLY B 44 3.69 8.98 13.54
CA GLY B 44 4.75 9.59 12.76
C GLY B 44 4.83 9.21 11.30
N TYR B 45 4.12 8.18 10.86
CA TYR B 45 4.22 7.70 9.49
C TYR B 45 2.83 7.43 8.92
N TYR B 46 2.63 7.83 7.66
CA TYR B 46 1.40 7.51 6.96
C TYR B 46 1.28 6.00 6.75
N MET B 47 0.05 5.52 6.77
CA MET B 47 -0.26 4.12 6.57
C MET B 47 -1.01 3.94 5.26
N HIS B 48 -0.57 3.01 4.44
CA HIS B 48 -1.20 2.70 3.17
C HIS B 48 -1.90 1.35 3.24
N TRP B 49 -2.88 1.17 2.36
CA TRP B 49 -3.60 -0.08 2.22
C TRP B 49 -3.48 -0.57 0.78
N VAL B 50 -3.02 -1.81 0.62
CA VAL B 50 -2.83 -2.45 -0.68
C VAL B 50 -3.47 -3.82 -0.63
N ARG B 51 -4.13 -4.22 -1.72
CA ARG B 51 -4.69 -5.56 -1.82
C ARG B 51 -4.06 -6.28 -3.01
N GLN B 52 -4.13 -7.61 -2.97
CA GLN B 52 -3.52 -8.43 -4.01
C GLN B 52 -4.38 -9.68 -4.20
N ALA B 53 -5.03 -9.78 -5.36
CA ALA B 53 -5.83 -10.95 -5.66
C ALA B 53 -4.92 -12.17 -5.83
N PRO B 54 -5.41 -13.36 -5.51
CA PRO B 54 -4.57 -14.57 -5.61
C PRO B 54 -4.06 -14.77 -7.03
N GLY B 55 -2.74 -14.84 -7.17
CA GLY B 55 -2.09 -15.02 -8.45
C GLY B 55 -1.94 -13.76 -9.28
N GLN B 56 -2.60 -12.67 -8.91
CA GLN B 56 -2.56 -11.44 -9.67
C GLN B 56 -1.59 -10.46 -9.02
N GLY B 57 -1.70 -9.17 -9.37
CA GLY B 57 -0.74 -8.17 -8.94
C GLY B 57 -1.23 -7.31 -7.79
N LEU B 58 -0.38 -6.35 -7.43
CA LEU B 58 -0.67 -5.43 -6.34
C LEU B 58 -1.60 -4.32 -6.82
N GLU B 59 -2.42 -3.81 -5.90
CA GLU B 59 -3.38 -2.75 -6.20
C GLU B 59 -3.44 -1.79 -5.04
N TRP B 60 -3.09 -0.53 -5.31
CA TRP B 60 -3.10 0.51 -4.28
C TRP B 60 -4.54 0.98 -4.04
N MET B 61 -4.92 1.07 -2.76
CA MET B 61 -6.27 1.47 -2.37
C MET B 61 -6.35 2.88 -1.83
N GLY B 62 -5.43 3.26 -0.95
CA GLY B 62 -5.45 4.60 -0.39
C GLY B 62 -4.47 4.70 0.77
N TRP B 63 -4.53 5.86 1.44
CA TRP B 63 -3.67 6.08 2.60
C TRP B 63 -4.44 6.85 3.67
N ILE B 64 -3.92 6.78 4.88
CA ILE B 64 -4.43 7.53 6.02
C ILE B 64 -3.26 8.05 6.82
N ASN B 65 -3.39 9.24 7.39
CA ASN B 65 -2.39 9.77 8.30
C ASN B 65 -2.84 9.50 9.72
N PRO B 66 -2.18 8.62 10.47
CA PRO B 66 -2.59 8.37 11.86
C PRO B 66 -2.50 9.59 12.75
N ASN B 67 -1.73 10.60 12.35
CA ASN B 67 -1.63 11.83 13.13
C ASN B 67 -2.88 12.68 12.93
N SER B 68 -3.10 13.19 11.72
CA SER B 68 -4.20 14.11 11.47
C SER B 68 -5.53 13.40 11.29
N GLY B 69 -5.50 12.14 10.85
CA GLY B 69 -6.71 11.43 10.51
C GLY B 69 -7.17 11.61 9.07
N GLY B 70 -6.49 12.46 8.31
CA GLY B 70 -6.86 12.64 6.91
C GLY B 70 -6.60 11.40 6.09
N THR B 71 -7.41 11.22 5.04
CA THR B 71 -7.33 10.06 4.18
C THR B 71 -7.37 10.49 2.72
N ASN B 72 -7.01 9.55 1.84
CA ASN B 72 -7.31 9.71 0.43
C ASN B 72 -7.46 8.32 -0.17
N TYR B 73 -8.50 8.14 -0.98
CA TYR B 73 -8.83 6.87 -1.61
C TYR B 73 -8.73 7.03 -3.12
N THR B 74 -8.28 5.97 -3.79
CA THR B 74 -8.31 5.97 -5.23
C THR B 74 -9.76 5.91 -5.72
N GLN B 75 -9.95 6.27 -6.98
CA GLN B 75 -11.31 6.53 -7.47
C GLN B 75 -12.19 5.28 -7.42
N LYS B 76 -11.65 4.12 -7.75
CA LYS B 76 -12.49 2.93 -7.88
C LYS B 76 -13.00 2.42 -6.53
N PHE B 77 -12.41 2.87 -5.43
CA PHE B 77 -12.85 2.44 -4.11
C PHE B 77 -13.63 3.50 -3.36
N GLN B 78 -13.78 4.70 -3.93
CA GLN B 78 -14.56 5.73 -3.26
C GLN B 78 -16.03 5.31 -3.19
N GLY B 79 -16.63 5.54 -2.02
CA GLY B 79 -17.98 5.09 -1.75
C GLY B 79 -18.08 3.70 -1.15
N ARG B 80 -17.00 2.93 -1.15
CA ARG B 80 -17.00 1.60 -0.56
C ARG B 80 -15.92 1.39 0.49
N VAL B 81 -14.86 2.18 0.51
CA VAL B 81 -13.76 1.99 1.44
C VAL B 81 -13.82 3.06 2.52
N THR B 82 -13.35 2.70 3.71
CA THR B 82 -13.31 3.62 4.84
C THR B 82 -12.07 3.30 5.66
N MET B 83 -11.18 4.27 5.80
CA MET B 83 -9.94 4.11 6.56
C MET B 83 -10.01 4.98 7.80
N THR B 84 -9.88 4.35 8.97
CA THR B 84 -9.89 5.02 10.26
C THR B 84 -8.68 4.56 11.06
N ARG B 85 -8.49 5.16 12.22
CA ARG B 85 -7.41 4.73 13.11
C ARG B 85 -7.78 5.07 14.54
N ASP B 86 -7.25 4.28 15.47
CA ASP B 86 -7.38 4.52 16.90
C ASP B 86 -5.96 4.68 17.46
N THR B 87 -5.59 5.91 17.78
CA THR B 87 -4.21 6.18 18.20
C THR B 87 -3.91 5.59 19.57
N SER B 88 -4.93 5.41 20.42
CA SER B 88 -4.70 4.87 21.76
C SER B 88 -4.25 3.42 21.73
N ILE B 89 -4.52 2.70 20.64
CA ILE B 89 -4.08 1.32 20.48
C ILE B 89 -3.20 1.13 19.25
N SER B 90 -2.83 2.22 18.58
CA SER B 90 -1.91 2.18 17.44
C SER B 90 -2.39 1.22 16.35
N THR B 91 -3.68 1.32 16.02
CA THR B 91 -4.30 0.41 15.07
C THR B 91 -4.94 1.21 13.94
N ALA B 92 -4.70 0.78 12.71
CA ALA B 92 -5.38 1.30 11.53
C ALA B 92 -6.42 0.30 11.06
N TYR B 93 -7.53 0.82 10.54
CA TYR B 93 -8.65 0.00 10.12
C TYR B 93 -8.99 0.28 8.67
N MET B 94 -9.35 -0.77 7.94
CA MET B 94 -9.81 -0.66 6.56
C MET B 94 -11.13 -1.39 6.45
N GLU B 95 -12.18 -0.68 6.03
CA GLU B 95 -13.52 -1.24 5.88
C GLU B 95 -13.93 -1.18 4.42
N LEU B 96 -14.33 -2.33 3.89
CA LEU B 96 -14.82 -2.44 2.52
C LEU B 96 -16.27 -2.90 2.57
N SER B 97 -17.17 -2.09 2.03
CA SER B 97 -18.60 -2.39 2.02
C SER B 97 -19.04 -2.83 0.63
N ARG B 98 -20.21 -3.47 0.57
CA ARG B 98 -20.81 -3.92 -0.68
C ARG B 98 -19.84 -4.79 -1.47
N LEU B 99 -19.39 -5.87 -0.82
CA LEU B 99 -18.38 -6.74 -1.39
C LEU B 99 -18.91 -7.52 -2.59
N ARG B 100 -18.00 -7.84 -3.50
CA ARG B 100 -18.28 -8.63 -4.69
C ARG B 100 -17.22 -9.71 -4.81
N SER B 101 -17.37 -10.58 -5.81
CA SER B 101 -16.46 -11.71 -5.96
C SER B 101 -15.03 -11.26 -6.20
N ASP B 102 -14.84 -10.34 -7.14
CA ASP B 102 -13.48 -9.92 -7.45
C ASP B 102 -12.86 -9.01 -6.37
N ASP B 103 -13.50 -8.85 -5.21
CA ASP B 103 -12.86 -8.26 -4.05
C ASP B 103 -12.09 -9.27 -3.22
N THR B 104 -12.13 -10.54 -3.60
CA THR B 104 -11.34 -11.57 -2.93
C THR B 104 -9.86 -11.30 -3.14
N ALA B 105 -9.14 -10.98 -2.07
CA ALA B 105 -7.73 -10.63 -2.16
C ALA B 105 -7.13 -10.67 -0.77
N VAL B 106 -5.81 -10.59 -0.72
CA VAL B 106 -5.08 -10.42 0.53
C VAL B 106 -4.88 -8.93 0.73
N TYR B 107 -5.48 -8.37 1.77
CA TYR B 107 -5.37 -6.95 2.06
C TYR B 107 -4.23 -6.73 3.06
N SER B 108 -3.33 -5.81 2.72
CA SER B 108 -2.15 -5.55 3.54
C SER B 108 -2.08 -4.06 3.88
N CYS B 109 -1.56 -3.79 5.08
CA CYS B 109 -1.21 -2.42 5.47
C CYS B 109 0.29 -2.24 5.34
N ALA B 110 0.69 -1.15 4.66
CA ALA B 110 2.09 -0.85 4.41
C ALA B 110 2.41 0.53 4.97
N ARG B 111 3.51 0.63 5.71
CA ARG B 111 3.92 1.89 6.31
C ARG B 111 4.75 2.69 5.31
N ASP B 112 4.41 3.98 5.18
CA ASP B 112 5.22 4.87 4.35
C ASP B 112 6.55 5.13 5.07
N MET B 113 7.65 4.98 4.32
CA MET B 113 8.97 5.10 4.95
C MET B 113 9.33 6.54 5.26
N ALA B 114 8.66 7.51 4.65
CA ALA B 114 8.92 8.91 4.95
C ALA B 114 8.26 9.30 6.26
N PHE B 115 8.90 10.22 6.97
CA PHE B 115 8.44 10.65 8.29
C PHE B 115 7.47 11.81 8.14
N SER B 116 6.22 11.61 8.55
CA SER B 116 5.17 12.62 8.56
C SER B 116 4.88 13.20 7.17
N MET B 117 5.21 12.45 6.12
CA MET B 117 4.90 12.83 4.75
C MET B 117 4.48 11.57 4.01
N VAL B 118 3.63 11.73 3.00
CA VAL B 118 3.23 10.62 2.15
C VAL B 118 4.07 10.68 0.88
N ARG B 119 4.79 9.59 0.60
CA ARG B 119 5.66 9.55 -0.57
C ARG B 119 5.59 8.23 -1.33
N GLY B 120 4.78 7.28 -0.88
CA GLY B 120 4.45 6.11 -1.68
C GLY B 120 5.47 4.98 -1.68
N SER B 121 6.50 5.05 -0.86
CA SER B 121 7.50 3.98 -0.76
C SER B 121 7.33 3.27 0.58
N PHE B 122 7.09 1.97 0.52
CA PHE B 122 6.74 1.19 1.70
C PHE B 122 7.95 0.38 2.16
N ASP B 123 8.30 0.50 3.44
CA ASP B 123 9.42 -0.21 4.00
C ASP B 123 9.03 -1.34 4.96
N TYR B 124 7.80 -1.33 5.47
CA TYR B 124 7.32 -2.40 6.35
C TYR B 124 5.91 -2.76 5.95
N TRP B 125 5.63 -4.05 5.86
CA TRP B 125 4.34 -4.57 5.46
C TRP B 125 3.76 -5.43 6.57
N GLY B 126 2.44 -5.55 6.56
CA GLY B 126 1.77 -6.52 7.39
C GLY B 126 1.77 -7.89 6.74
N GLN B 127 1.48 -8.92 7.55
CA GLN B 127 1.43 -10.27 7.01
C GLN B 127 0.26 -10.47 6.06
N GLY B 128 -0.68 -9.53 6.02
CA GLY B 128 -1.82 -9.65 5.12
C GLY B 128 -3.03 -10.26 5.82
N THR B 129 -4.21 -9.92 5.29
CA THR B 129 -5.47 -10.46 5.76
C THR B 129 -6.25 -10.96 4.56
N LEU B 130 -6.36 -12.28 4.42
CA LEU B 130 -7.11 -12.86 3.32
C LEU B 130 -8.60 -12.64 3.54
N VAL B 131 -9.26 -12.05 2.53
CA VAL B 131 -10.69 -11.80 2.55
C VAL B 131 -11.29 -12.54 1.37
N THR B 132 -12.05 -13.60 1.64
CA THR B 132 -12.61 -14.46 0.61
C THR B 132 -14.10 -14.16 0.47
N VAL B 133 -14.48 -13.66 -0.70
CA VAL B 133 -15.89 -13.43 -1.02
C VAL B 133 -16.35 -14.54 -1.95
N SER B 134 -16.93 -15.60 -1.38
CA SER B 134 -17.34 -16.76 -2.14
C SER B 134 -18.78 -16.63 -2.60
N SER B 135 -19.18 -17.52 -3.51
CA SER B 135 -20.55 -17.52 -4.02
C SER B 135 -21.54 -17.82 -2.90
N ALA B 136 -22.78 -17.38 -3.11
CA ALA B 136 -23.81 -17.50 -2.09
C ALA B 136 -24.51 -18.85 -2.10
N SER B 137 -24.27 -19.70 -3.10
CA SER B 137 -24.92 -21.00 -3.14
C SER B 137 -24.14 -21.93 -4.06
N THR B 138 -24.29 -23.22 -3.81
CA THR B 138 -23.68 -24.24 -4.67
C THR B 138 -24.33 -24.22 -6.04
N LYS B 139 -23.53 -24.54 -7.06
CA LYS B 139 -24.04 -24.60 -8.42
C LYS B 139 -23.26 -25.64 -9.21
N GLY B 140 -23.98 -26.59 -9.80
CA GLY B 140 -23.37 -27.56 -10.68
C GLY B 140 -23.05 -26.94 -12.03
N PRO B 141 -22.05 -27.48 -12.71
CA PRO B 141 -21.60 -26.89 -13.96
C PRO B 141 -22.46 -27.32 -15.15
N SER B 142 -22.37 -26.53 -16.20
CA SER B 142 -22.87 -26.90 -17.52
C SER B 142 -21.68 -27.36 -18.37
N VAL B 143 -21.82 -28.51 -19.01
CA VAL B 143 -20.74 -29.11 -19.78
C VAL B 143 -21.08 -29.02 -21.25
N PHE B 144 -20.20 -28.37 -22.02
CA PHE B 144 -20.36 -28.22 -23.46
C PHE B 144 -19.18 -28.87 -24.19
N PRO B 145 -19.42 -29.43 -25.38
CA PRO B 145 -18.32 -30.05 -26.12
C PRO B 145 -17.52 -29.00 -26.89
N LEU B 146 -16.20 -29.08 -26.76
CA LEU B 146 -15.29 -28.27 -27.58
C LEU B 146 -14.98 -29.07 -28.84
N ALA B 147 -15.76 -28.81 -29.88
CA ALA B 147 -15.64 -29.60 -31.11
C ALA B 147 -14.29 -29.32 -31.78
N PRO B 148 -13.65 -30.34 -32.34
CA PRO B 148 -12.35 -30.13 -33.00
C PRO B 148 -12.47 -29.23 -34.22
N SER B 149 -11.42 -28.43 -34.44
CA SER B 149 -11.44 -27.40 -35.47
C SER B 149 -11.62 -28.00 -36.86
N SER B 150 -12.00 -27.14 -37.81
CA SER B 150 -12.22 -27.55 -39.18
C SER B 150 -12.00 -26.38 -40.14
N GLY B 156 0.91 -31.78 -37.40
CA GLY B 156 -0.46 -32.11 -37.73
C GLY B 156 -1.22 -32.67 -36.55
N THR B 157 -1.69 -31.79 -35.67
CA THR B 157 -2.39 -32.17 -34.46
C THR B 157 -3.79 -31.58 -34.45
N ALA B 158 -4.71 -32.28 -33.78
CA ALA B 158 -6.09 -31.84 -33.62
C ALA B 158 -6.47 -31.90 -32.16
N ALA B 159 -7.22 -30.91 -31.70
CA ALA B 159 -7.57 -30.79 -30.30
C ALA B 159 -9.09 -30.82 -30.14
N LEU B 160 -9.55 -31.53 -29.11
CA LEU B 160 -10.96 -31.54 -28.70
C LEU B 160 -11.00 -31.50 -27.19
N GLY B 161 -12.16 -31.13 -26.65
CA GLY B 161 -12.25 -31.05 -25.21
C GLY B 161 -13.66 -30.79 -24.72
N CYS B 162 -13.75 -30.49 -23.42
CA CYS B 162 -15.00 -30.23 -22.72
C CYS B 162 -14.88 -28.93 -21.95
N LEU B 163 -15.87 -28.07 -22.08
CA LEU B 163 -15.94 -26.82 -21.32
C LEU B 163 -16.86 -27.04 -20.12
N VAL B 164 -16.29 -26.96 -18.93
CA VAL B 164 -17.04 -27.13 -17.68
C VAL B 164 -17.29 -25.72 -17.14
N LYS B 165 -18.49 -25.20 -17.38
CA LYS B 165 -18.78 -23.78 -17.23
C LYS B 165 -19.62 -23.49 -15.98
N ASP B 166 -19.21 -22.46 -15.25
CA ASP B 166 -19.97 -21.87 -14.15
C ASP B 166 -20.35 -22.88 -13.08
N TYR B 167 -19.40 -23.20 -12.19
CA TYR B 167 -19.69 -24.08 -11.07
C TYR B 167 -19.10 -23.50 -9.79
N PHE B 168 -19.61 -23.98 -8.67
CA PHE B 168 -19.13 -23.61 -7.34
C PHE B 168 -19.65 -24.61 -6.32
N PRO B 169 -18.83 -25.02 -5.34
CA PRO B 169 -17.43 -24.62 -5.22
C PRO B 169 -16.47 -25.57 -5.91
N GLU B 170 -15.17 -25.36 -5.72
CA GLU B 170 -14.18 -26.31 -6.20
C GLU B 170 -14.27 -27.61 -5.39
N PRO B 171 -13.89 -28.75 -5.98
CA PRO B 171 -13.44 -28.89 -7.36
C PRO B 171 -14.39 -29.71 -8.24
N VAL B 172 -13.99 -29.91 -9.50
CA VAL B 172 -14.59 -30.92 -10.37
C VAL B 172 -13.47 -31.86 -10.81
N THR B 173 -13.86 -33.08 -11.16
CA THR B 173 -12.95 -34.08 -11.69
C THR B 173 -13.38 -34.44 -13.10
N VAL B 174 -12.45 -34.36 -14.05
CA VAL B 174 -12.72 -34.63 -15.45
C VAL B 174 -11.86 -35.80 -15.89
N SER B 175 -12.52 -36.90 -16.28
CA SER B 175 -11.85 -38.02 -16.91
C SER B 175 -12.43 -38.22 -18.30
N TRP B 176 -11.73 -38.99 -19.12
CA TRP B 176 -12.13 -39.25 -20.49
C TRP B 176 -12.29 -40.75 -20.71
N ASN B 177 -13.43 -41.15 -21.26
CA ASN B 177 -13.73 -42.56 -21.52
C ASN B 177 -13.59 -43.40 -20.26
N SER B 178 -14.24 -42.93 -19.19
CA SER B 178 -14.26 -43.63 -17.90
C SER B 178 -12.85 -43.87 -17.35
N GLY B 179 -11.90 -43.01 -17.73
CA GLY B 179 -10.53 -43.17 -17.32
C GLY B 179 -9.64 -43.90 -18.30
N ALA B 180 -10.21 -44.46 -19.37
CA ALA B 180 -9.44 -45.19 -20.36
C ALA B 180 -8.79 -44.29 -21.40
N LEU B 181 -8.94 -42.97 -21.29
CA LEU B 181 -8.27 -42.03 -22.19
C LEU B 181 -7.52 -41.01 -21.32
N THR B 182 -6.22 -41.23 -21.15
CA THR B 182 -5.36 -40.34 -20.40
C THR B 182 -4.22 -39.76 -21.21
N SER B 183 -3.72 -40.47 -22.23
CA SER B 183 -2.63 -39.97 -23.05
C SER B 183 -3.11 -38.79 -23.89
N GLY B 184 -2.42 -37.65 -23.74
CA GLY B 184 -2.79 -36.44 -24.45
C GLY B 184 -3.85 -35.60 -23.79
N VAL B 185 -4.24 -35.93 -22.56
CA VAL B 185 -5.25 -35.19 -21.83
C VAL B 185 -4.58 -34.17 -20.94
N HIS B 186 -5.03 -32.93 -21.02
CA HIS B 186 -4.57 -31.86 -20.12
C HIS B 186 -5.80 -31.15 -19.60
N THR B 187 -6.05 -31.27 -18.29
CA THR B 187 -7.16 -30.58 -17.63
C THR B 187 -6.61 -29.30 -17.00
N PHE B 188 -7.05 -28.16 -17.51
CA PHE B 188 -6.53 -26.88 -17.08
C PHE B 188 -7.10 -26.48 -15.72
N PRO B 189 -6.34 -25.73 -14.93
CA PRO B 189 -6.90 -25.13 -13.72
C PRO B 189 -8.03 -24.16 -14.07
N ALA B 190 -8.98 -24.04 -13.15
CA ALA B 190 -10.17 -23.26 -13.42
C ALA B 190 -9.90 -21.76 -13.26
N VAL B 191 -10.70 -20.96 -13.98
CA VAL B 191 -10.79 -19.51 -13.75
C VAL B 191 -11.81 -19.26 -12.66
N LEU B 192 -11.62 -18.17 -11.93
CA LEU B 192 -12.62 -17.68 -11.00
C LEU B 192 -13.17 -16.38 -11.62
N GLN B 193 -14.26 -16.53 -12.38
CA GLN B 193 -14.87 -15.37 -13.01
C GLN B 193 -15.40 -14.40 -11.97
N SER B 194 -15.59 -13.15 -12.40
CA SER B 194 -16.07 -12.11 -11.49
C SER B 194 -17.46 -12.41 -10.96
N SER B 195 -18.18 -13.37 -11.54
CA SER B 195 -19.46 -13.80 -11.00
C SER B 195 -19.32 -14.66 -9.75
N GLY B 196 -18.11 -15.06 -9.39
CA GLY B 196 -17.90 -15.95 -8.28
C GLY B 196 -17.98 -17.42 -8.62
N LEU B 197 -18.26 -17.75 -9.88
CA LEU B 197 -18.38 -19.13 -10.33
C LEU B 197 -17.10 -19.55 -11.06
N TYR B 198 -16.73 -20.81 -10.89
CA TYR B 198 -15.55 -21.36 -11.53
C TYR B 198 -15.90 -21.94 -12.91
N SER B 199 -14.91 -21.93 -13.80
CA SER B 199 -15.05 -22.52 -15.13
C SER B 199 -13.75 -23.20 -15.51
N LEU B 200 -13.89 -24.34 -16.17
CA LEU B 200 -12.77 -25.20 -16.44
C LEU B 200 -12.90 -25.80 -17.84
N SER B 201 -11.76 -26.15 -18.42
CA SER B 201 -11.70 -26.80 -19.71
CA SER B 201 -11.72 -26.82 -19.71
C SER B 201 -10.67 -27.91 -19.67
N SER B 202 -11.01 -29.05 -20.26
CA SER B 202 -10.12 -30.21 -20.34
C SER B 202 -10.00 -30.62 -21.80
N VAL B 203 -8.77 -30.70 -22.29
CA VAL B 203 -8.51 -30.85 -23.72
C VAL B 203 -7.73 -32.13 -23.97
N VAL B 204 -8.16 -32.89 -24.98
CA VAL B 204 -7.44 -34.05 -25.48
C VAL B 204 -6.85 -33.67 -26.84
N THR B 205 -5.58 -34.03 -27.05
CA THR B 205 -4.87 -33.74 -28.29
C THR B 205 -4.54 -35.04 -28.99
N VAL B 206 -5.06 -35.21 -30.20
CA VAL B 206 -4.75 -36.37 -31.04
C VAL B 206 -4.21 -35.83 -32.36
N PRO B 207 -3.45 -36.65 -33.10
CA PRO B 207 -3.00 -36.20 -34.43
C PRO B 207 -4.17 -35.94 -35.36
N SER B 208 -3.96 -35.03 -36.32
CA SER B 208 -5.03 -34.61 -37.20
C SER B 208 -5.62 -35.79 -37.96
N SER B 209 -4.78 -36.71 -38.39
CA SER B 209 -5.20 -37.84 -39.22
C SER B 209 -5.65 -39.06 -38.41
N SER B 210 -6.23 -38.83 -37.23
CA SER B 210 -6.75 -39.95 -36.43
C SER B 210 -7.89 -39.51 -35.53
N LEU B 211 -8.64 -38.48 -35.94
CA LEU B 211 -9.70 -37.93 -35.10
C LEU B 211 -10.86 -38.91 -34.93
N GLY B 212 -11.59 -39.17 -36.00
CA GLY B 212 -12.81 -39.96 -35.91
C GLY B 212 -12.59 -41.45 -35.73
N THR B 213 -11.40 -41.84 -35.28
CA THR B 213 -11.13 -43.27 -35.09
C THR B 213 -11.73 -43.77 -33.79
N GLN B 214 -11.57 -43.03 -32.70
CA GLN B 214 -12.03 -43.46 -31.38
C GLN B 214 -13.18 -42.58 -30.89
N THR B 215 -13.80 -43.04 -29.82
CA THR B 215 -14.88 -42.30 -29.17
C THR B 215 -14.29 -41.43 -28.06
N TYR B 216 -14.79 -40.19 -27.98
CA TYR B 216 -14.33 -39.22 -26.99
C TYR B 216 -15.51 -38.80 -26.13
N ILE B 217 -15.53 -39.24 -24.88
CA ILE B 217 -16.58 -38.91 -23.92
C ILE B 217 -15.91 -38.44 -22.64
N CYS B 218 -16.15 -37.19 -22.26
CA CYS B 218 -15.58 -36.65 -21.03
C CYS B 218 -16.55 -36.85 -19.88
N ASN B 219 -16.00 -37.24 -18.73
CA ASN B 219 -16.77 -37.54 -17.53
C ASN B 219 -16.53 -36.43 -16.51
N VAL B 220 -17.52 -35.56 -16.35
CA VAL B 220 -17.42 -34.43 -15.42
C VAL B 220 -18.18 -34.79 -14.15
N ASN B 221 -17.49 -34.73 -13.02
CA ASN B 221 -18.08 -35.01 -11.72
C ASN B 221 -17.88 -33.80 -10.81
N HIS B 222 -18.99 -33.31 -10.24
CA HIS B 222 -18.97 -32.17 -9.32
C HIS B 222 -19.67 -32.63 -8.04
N LYS B 223 -18.90 -33.20 -7.11
CA LYS B 223 -19.45 -33.75 -5.88
C LYS B 223 -20.31 -32.78 -5.08
N PRO B 224 -19.92 -31.51 -4.87
CA PRO B 224 -20.73 -30.63 -3.99
C PRO B 224 -22.17 -30.48 -4.44
N SER B 225 -22.46 -30.60 -5.73
CA SER B 225 -23.81 -30.47 -6.25
C SER B 225 -24.42 -31.80 -6.67
N ASN B 226 -23.72 -32.91 -6.44
CA ASN B 226 -24.14 -34.23 -6.89
C ASN B 226 -24.46 -34.23 -8.39
N THR B 227 -23.57 -33.62 -9.16
CA THR B 227 -23.71 -33.50 -10.60
C THR B 227 -22.70 -34.41 -11.29
N LYS B 228 -23.19 -35.32 -12.13
CA LYS B 228 -22.34 -36.19 -12.94
C LYS B 228 -22.83 -36.13 -14.37
N VAL B 229 -21.96 -35.73 -15.29
CA VAL B 229 -22.31 -35.54 -16.69
C VAL B 229 -21.32 -36.29 -17.57
N ASP B 230 -21.81 -36.88 -18.66
CA ASP B 230 -20.98 -37.51 -19.67
C ASP B 230 -21.33 -36.90 -21.01
N LYS B 231 -20.39 -36.15 -21.59
CA LYS B 231 -20.62 -35.45 -22.86
C LYS B 231 -19.78 -36.09 -23.96
N LYS B 232 -20.44 -36.48 -25.05
CA LYS B 232 -19.76 -37.08 -26.20
C LYS B 232 -19.32 -35.96 -27.15
N VAL B 233 -18.01 -35.85 -27.37
CA VAL B 233 -17.45 -34.83 -28.24
C VAL B 233 -17.24 -35.42 -29.62
N GLU B 234 -17.56 -34.64 -30.66
CA GLU B 234 -17.46 -35.12 -32.03
C GLU B 234 -17.39 -33.92 -32.96
N PRO B 235 -16.80 -34.07 -34.14
CA PRO B 235 -16.75 -32.95 -35.10
C PRO B 235 -18.15 -32.55 -35.55
N LYS B 236 -18.25 -31.32 -36.06
CA LYS B 236 -19.53 -30.72 -36.40
C LYS B 236 -19.68 -30.57 -37.92
N SER B 237 -20.88 -30.84 -38.42
CA SER B 237 -21.24 -30.66 -39.82
C SER B 237 -20.25 -31.28 -40.80
N ALA C 15 -5.43 4.16 -13.82
CA ALA C 15 -4.57 3.97 -14.98
C ALA C 15 -3.36 3.09 -14.64
N VAL C 16 -3.44 1.81 -15.03
CA VAL C 16 -2.37 0.86 -14.71
C VAL C 16 -1.08 1.23 -15.45
N LEU C 17 0.04 0.82 -14.87
CA LEU C 17 1.34 0.98 -15.50
C LEU C 17 1.66 -0.27 -16.31
N THR C 18 1.94 -0.08 -17.60
CA THR C 18 2.20 -1.21 -18.49
C THR C 18 3.56 -1.82 -18.19
N GLN C 19 3.58 -3.12 -17.91
CA GLN C 19 4.79 -3.81 -17.52
C GLN C 19 4.82 -5.12 -18.29
N PRO C 20 5.96 -5.50 -18.88
CA PRO C 20 6.00 -6.73 -19.65
C PRO C 20 5.72 -7.93 -18.77
N PRO C 21 5.08 -8.98 -19.30
CA PRO C 21 4.70 -10.11 -18.44
C PRO C 21 5.89 -10.92 -17.96
N SER C 22 6.90 -11.13 -18.82
CA SER C 22 8.01 -12.01 -18.48
C SER C 22 9.32 -11.38 -18.96
N ALA C 23 10.23 -11.17 -18.03
CA ALA C 23 11.63 -10.88 -18.33
C ALA C 23 12.47 -12.05 -17.82
N SER C 24 13.55 -12.36 -18.53
CA SER C 24 14.32 -13.54 -18.18
C SER C 24 15.76 -13.36 -18.63
N GLY C 25 16.61 -14.25 -18.13
CA GLY C 25 18.01 -14.24 -18.51
C GLY C 25 18.72 -15.41 -17.88
N SER C 26 19.90 -15.69 -18.42
CA SER C 26 20.75 -16.75 -17.90
C SER C 26 21.55 -16.24 -16.70
N PRO C 27 22.07 -17.14 -15.86
CA PRO C 27 22.85 -16.71 -14.70
C PRO C 27 24.02 -15.83 -15.07
N GLY C 28 24.15 -14.71 -14.37
CA GLY C 28 25.21 -13.75 -14.63
C GLY C 28 24.90 -12.72 -15.68
N GLN C 29 23.79 -12.86 -16.42
CA GLN C 29 23.42 -11.92 -17.45
C GLN C 29 22.68 -10.73 -16.85
N SER C 30 22.52 -9.69 -17.66
CA SER C 30 21.81 -8.48 -17.27
C SER C 30 20.45 -8.45 -17.95
N VAL C 31 19.42 -8.12 -17.17
CA VAL C 31 18.05 -8.09 -17.66
C VAL C 31 17.43 -6.76 -17.25
N THR C 32 16.54 -6.25 -18.11
CA THR C 32 15.88 -4.97 -17.89
C THR C 32 14.37 -5.15 -17.92
N ILE C 33 13.70 -4.64 -16.89
CA ILE C 33 12.24 -4.72 -16.77
C ILE C 33 11.69 -3.31 -16.94
N SER C 34 10.88 -3.12 -17.99
CA SER C 34 10.34 -1.81 -18.31
C SER C 34 9.02 -1.56 -17.57
N CYS C 35 8.60 -0.30 -17.58
CA CYS C 35 7.41 0.12 -16.83
C CYS C 35 6.93 1.44 -17.46
N THR C 36 6.01 1.34 -18.41
CA THR C 36 5.56 2.47 -19.20
C THR C 36 4.26 3.04 -18.63
N GLY C 37 4.31 4.31 -18.22
CA GLY C 37 3.12 5.00 -17.77
C GLY C 37 2.71 6.10 -18.73
N THR C 38 2.36 7.26 -18.20
CA THR C 38 1.98 8.43 -19.00
C THR C 38 2.74 9.65 -18.49
N SER C 39 2.43 10.81 -19.07
CA SER C 39 3.09 12.05 -18.66
C SER C 39 2.58 12.58 -17.33
N SER C 40 1.55 11.96 -16.75
CA SER C 40 0.99 12.42 -15.49
C SER C 40 1.28 11.47 -14.33
N ASP C 41 2.20 10.52 -14.51
CA ASP C 41 2.66 9.68 -13.41
C ASP C 41 4.15 9.38 -13.51
N VAL C 42 4.55 8.52 -14.44
CA VAL C 42 5.97 8.19 -14.57
C VAL C 42 6.74 9.37 -15.13
N GLY C 43 6.29 9.91 -16.27
CA GLY C 43 6.96 11.05 -16.87
C GLY C 43 6.66 12.39 -16.24
N GLY C 44 5.85 12.42 -15.18
CA GLY C 44 5.49 13.67 -14.55
C GLY C 44 6.23 13.92 -13.25
N TYR C 45 6.53 12.86 -12.50
CA TYR C 45 7.19 12.97 -11.21
C TYR C 45 8.33 11.96 -11.14
N ASN C 46 9.35 12.30 -10.35
CA ASN C 46 10.47 11.39 -10.09
C ASN C 46 10.22 10.56 -8.84
N TYR C 47 9.04 9.95 -8.75
CA TYR C 47 8.65 9.14 -7.60
C TYR C 47 8.19 7.77 -8.09
N VAL C 48 9.07 7.09 -8.83
CA VAL C 48 8.85 5.73 -9.29
C VAL C 48 9.56 4.78 -8.33
N SER C 49 8.88 3.71 -7.94
CA SER C 49 9.43 2.72 -7.03
C SER C 49 9.38 1.34 -7.67
N TRP C 50 10.17 0.42 -7.11
CA TRP C 50 10.22 -0.96 -7.58
C TRP C 50 10.18 -1.89 -6.39
N TYR C 51 9.35 -2.93 -6.48
CA TYR C 51 9.19 -3.90 -5.40
C TYR C 51 9.48 -5.30 -5.92
N GLN C 52 10.07 -6.13 -5.05
CA GLN C 52 10.37 -7.52 -5.34
C GLN C 52 9.55 -8.42 -4.42
N GLN C 53 8.79 -9.34 -5.00
CA GLN C 53 7.93 -10.25 -4.23
C GLN C 53 8.28 -11.69 -4.57
N HIS C 54 8.83 -12.40 -3.59
CA HIS C 54 8.96 -13.85 -3.70
C HIS C 54 7.61 -14.50 -3.38
N PRO C 55 7.35 -15.68 -3.94
CA PRO C 55 6.01 -16.29 -3.79
C PRO C 55 5.64 -16.52 -2.33
N GLY C 56 4.46 -16.03 -1.94
CA GLY C 56 3.96 -16.19 -0.60
C GLY C 56 4.53 -15.23 0.44
N LYS C 57 5.42 -14.32 0.03
CA LYS C 57 6.03 -13.38 0.97
C LYS C 57 5.61 -11.96 0.61
N ALA C 58 5.80 -11.06 1.57
CA ALA C 58 5.44 -9.66 1.37
C ALA C 58 6.43 -8.99 0.42
N PRO C 59 5.98 -8.00 -0.35
CA PRO C 59 6.89 -7.31 -1.28
C PRO C 59 8.01 -6.58 -0.52
N LYS C 60 9.14 -6.42 -1.20
CA LYS C 60 10.31 -5.78 -0.65
C LYS C 60 10.71 -4.60 -1.53
N LEU C 61 10.87 -3.44 -0.91
CA LEU C 61 11.25 -2.24 -1.65
C LEU C 61 12.68 -2.35 -2.13
N MET C 62 12.88 -2.26 -3.44
CA MET C 62 14.20 -2.35 -4.06
C MET C 62 14.71 -1.02 -4.58
N ILE C 63 13.82 -0.20 -5.13
CA ILE C 63 14.17 1.11 -5.66
C ILE C 63 13.09 2.09 -5.27
N TYR C 64 13.48 3.29 -4.88
CA TYR C 64 12.53 4.38 -4.67
C TYR C 64 13.10 5.64 -5.28
N GLU C 65 12.21 6.53 -5.72
CA GLU C 65 12.59 7.76 -6.41
C GLU C 65 13.49 7.47 -7.60
N VAL C 66 12.97 6.68 -8.53
CA VAL C 66 13.58 6.37 -9.83
C VAL C 66 14.82 5.48 -9.68
N SER C 67 15.80 5.92 -8.89
CA SER C 67 17.08 5.23 -8.87
C SER C 67 17.69 4.99 -7.49
N LYS C 68 17.11 5.49 -6.41
CA LYS C 68 17.70 5.33 -5.10
C LYS C 68 17.43 3.93 -4.56
N ARG C 69 18.46 3.34 -3.92
CA ARG C 69 18.39 2.01 -3.32
C ARG C 69 18.26 2.11 -1.81
N PRO C 70 17.29 1.44 -1.20
CA PRO C 70 17.31 1.29 0.26
C PRO C 70 18.53 0.50 0.70
N SER C 71 18.86 0.66 1.98
CA SER C 71 20.03 -0.03 2.53
C SER C 71 19.79 -1.54 2.54
N GLY C 72 20.82 -2.29 2.16
CA GLY C 72 20.73 -3.73 2.06
C GLY C 72 20.39 -4.24 0.67
N VAL C 73 19.86 -3.40 -0.20
CA VAL C 73 19.54 -3.82 -1.56
C VAL C 73 20.83 -3.86 -2.37
N PRO C 74 21.10 -4.95 -3.08
CA PRO C 74 22.38 -5.07 -3.81
C PRO C 74 22.52 -4.03 -4.91
N ASP C 75 23.77 -3.64 -5.17
CA ASP C 75 24.09 -2.70 -6.25
C ASP C 75 23.73 -3.27 -7.62
N ARG C 76 23.54 -4.59 -7.71
CA ARG C 76 23.12 -5.20 -8.97
C ARG C 76 21.78 -4.66 -9.44
N PHE C 77 20.91 -4.26 -8.51
CA PHE C 77 19.63 -3.65 -8.84
C PHE C 77 19.82 -2.15 -9.01
N SER C 78 19.43 -1.62 -10.17
CA SER C 78 19.53 -0.20 -10.44
C SER C 78 18.32 0.25 -11.23
N GLY C 79 17.79 1.41 -10.88
CA GLY C 79 16.64 1.96 -11.58
C GLY C 79 16.98 3.19 -12.40
N SER C 80 16.15 3.49 -13.39
CA SER C 80 16.33 4.67 -14.22
C SER C 80 14.99 5.01 -14.86
N LYS C 81 14.94 6.16 -15.51
CA LYS C 81 13.70 6.65 -16.11
C LYS C 81 14.04 7.44 -17.37
N SER C 82 13.24 7.22 -18.41
CA SER C 82 13.36 7.98 -19.65
C SER C 82 11.96 8.18 -20.20
N GLY C 83 11.52 9.44 -20.25
CA GLY C 83 10.16 9.72 -20.71
C GLY C 83 9.13 9.13 -19.77
N ASN C 84 8.09 8.52 -20.34
CA ASN C 84 7.06 7.87 -19.57
C ASN C 84 7.40 6.41 -19.25
N THR C 85 8.65 6.00 -19.43
CA THR C 85 9.07 4.63 -19.23
C THR C 85 10.21 4.58 -18.22
N ALA C 86 10.00 3.84 -17.13
CA ALA C 86 11.04 3.54 -16.17
C ALA C 86 11.62 2.16 -16.48
N SER C 87 12.78 1.87 -15.88
CA SER C 87 13.46 0.60 -16.14
C SER C 87 14.17 0.14 -14.88
N LEU C 88 13.96 -1.13 -14.53
CA LEU C 88 14.71 -1.78 -13.46
C LEU C 88 15.68 -2.76 -14.11
N THR C 89 16.97 -2.56 -13.89
CA THR C 89 18.01 -3.40 -14.44
C THR C 89 18.63 -4.25 -13.35
N VAL C 90 18.83 -5.53 -13.64
CA VAL C 90 19.46 -6.47 -12.72
C VAL C 90 20.69 -7.04 -13.41
N SER C 91 21.87 -6.59 -13.00
CA SER C 91 23.13 -7.10 -13.53
C SER C 91 23.60 -8.27 -12.67
N GLY C 92 24.32 -9.19 -13.30
CA GLY C 92 24.76 -10.40 -12.62
C GLY C 92 23.61 -11.20 -12.06
N LEU C 93 22.73 -11.69 -12.94
CA LEU C 93 21.52 -12.37 -12.50
C LEU C 93 21.85 -13.62 -11.71
N GLN C 94 21.15 -13.81 -10.59
CA GLN C 94 21.36 -14.95 -9.71
C GLN C 94 20.02 -15.63 -9.44
N ALA C 95 20.10 -16.86 -8.93
CA ALA C 95 18.90 -17.69 -8.76
C ALA C 95 17.91 -17.06 -7.79
N GLU C 96 18.42 -16.40 -6.75
CA GLU C 96 17.55 -15.79 -5.75
C GLU C 96 16.82 -14.56 -6.27
N ASP C 97 17.21 -14.04 -7.43
CA ASP C 97 16.51 -12.93 -8.04
C ASP C 97 15.22 -13.34 -8.74
N GLU C 98 14.91 -14.63 -8.79
CA GLU C 98 13.69 -15.11 -9.44
C GLU C 98 12.50 -14.78 -8.55
N ALA C 99 11.72 -13.79 -8.96
CA ALA C 99 10.56 -13.34 -8.20
C ALA C 99 9.71 -12.45 -9.13
N ASP C 100 8.61 -11.95 -8.59
CA ASP C 100 7.77 -11.00 -9.29
C ASP C 100 8.18 -9.58 -8.92
N TYR C 101 8.23 -8.70 -9.91
CA TYR C 101 8.67 -7.32 -9.73
C TYR C 101 7.58 -6.36 -10.16
N TYR C 102 7.19 -5.46 -9.26
CA TYR C 102 6.16 -4.47 -9.52
C TYR C 102 6.77 -3.08 -9.45
N CYS C 103 6.44 -2.23 -10.43
CA CYS C 103 6.79 -0.82 -10.33
C CYS C 103 5.63 -0.03 -9.73
N SER C 104 5.96 1.12 -9.17
CA SER C 104 4.98 2.00 -8.56
C SER C 104 5.33 3.43 -8.93
N SER C 105 4.33 4.30 -8.89
CA SER C 105 4.55 5.71 -9.21
C SER C 105 3.42 6.55 -8.65
N TYR C 106 3.76 7.77 -8.22
CA TYR C 106 2.75 8.76 -7.90
C TYR C 106 2.02 9.15 -9.18
N ALA C 107 0.70 9.31 -9.08
CA ALA C 107 -0.14 9.54 -10.26
C ALA C 107 -0.89 10.87 -10.18
N GLY C 108 -0.50 11.76 -9.27
CA GLY C 108 -1.21 12.99 -9.07
C GLY C 108 -2.45 12.80 -8.23
N SER C 109 -2.94 13.92 -7.67
CA SER C 109 -4.16 13.94 -6.87
C SER C 109 -4.07 12.98 -5.70
N ASN C 110 -2.88 12.90 -5.08
CA ASN C 110 -2.67 12.11 -3.87
C ASN C 110 -2.91 10.63 -4.08
N HIS C 111 -2.68 10.13 -5.29
CA HIS C 111 -2.90 8.73 -5.62
C HIS C 111 -1.62 8.10 -6.15
N TRP C 112 -1.34 6.87 -5.71
CA TRP C 112 -0.27 6.05 -6.24
C TRP C 112 -0.85 4.89 -7.03
N VAL C 113 -0.07 4.38 -7.99
CA VAL C 113 -0.51 3.30 -8.85
C VAL C 113 0.63 2.31 -9.02
N PHE C 114 0.26 1.04 -9.26
CA PHE C 114 1.21 -0.05 -9.46
C PHE C 114 1.26 -0.44 -10.93
N GLY C 115 2.31 -1.21 -11.27
CA GLY C 115 2.38 -1.84 -12.55
C GLY C 115 1.77 -3.22 -12.54
N GLY C 116 1.52 -3.76 -13.74
CA GLY C 116 0.91 -5.07 -13.84
C GLY C 116 1.75 -6.18 -13.23
N GLY C 117 3.07 -6.01 -13.22
CA GLY C 117 3.95 -7.02 -12.66
C GLY C 117 4.69 -7.84 -13.70
N THR C 118 5.96 -8.11 -13.45
CA THR C 118 6.79 -8.91 -14.33
C THR C 118 7.43 -10.03 -13.53
N LYS C 119 7.30 -11.26 -14.02
CA LYS C 119 8.03 -12.38 -13.42
C LYS C 119 9.43 -12.44 -14.03
N LEU C 120 10.44 -12.40 -13.18
CA LEU C 120 11.83 -12.50 -13.62
C LEU C 120 12.29 -13.93 -13.37
N THR C 121 12.58 -14.66 -14.45
CA THR C 121 12.93 -16.07 -14.37
C THR C 121 14.39 -16.24 -14.76
N VAL C 122 15.14 -16.95 -13.93
CA VAL C 122 16.50 -17.36 -14.25
C VAL C 122 16.40 -18.62 -15.10
N LEU C 123 16.72 -18.49 -16.40
CA LEU C 123 16.55 -19.57 -17.37
C LEU C 123 17.21 -20.86 -16.92
N GLY C 124 16.41 -21.89 -16.61
CA GLY C 124 16.92 -23.20 -16.27
C GLY C 124 16.80 -24.17 -17.42
N GLN C 125 16.07 -23.76 -18.46
CA GLN C 125 15.92 -24.53 -19.69
C GLN C 125 15.67 -23.55 -20.82
N PRO C 126 15.85 -23.98 -22.07
CA PRO C 126 15.62 -23.07 -23.20
C PRO C 126 14.21 -22.48 -23.19
N LYS C 127 14.10 -21.27 -23.74
CA LYS C 127 12.80 -20.61 -23.83
C LYS C 127 11.86 -21.39 -24.74
N ALA C 128 10.63 -21.60 -24.28
CA ALA C 128 9.61 -22.30 -25.05
C ALA C 128 8.47 -21.33 -25.33
N ALA C 129 8.15 -21.17 -26.61
CA ALA C 129 7.05 -20.30 -26.99
C ALA C 129 5.72 -20.99 -26.71
N PRO C 130 4.68 -20.22 -26.38
CA PRO C 130 3.39 -20.84 -26.04
C PRO C 130 2.70 -21.42 -27.27
N THR C 131 2.06 -22.56 -27.06
CA THR C 131 1.18 -23.17 -28.06
C THR C 131 -0.25 -22.77 -27.74
N VAL C 132 -0.94 -22.20 -28.73
CA VAL C 132 -2.25 -21.61 -28.54
C VAL C 132 -3.28 -22.41 -29.32
N THR C 133 -4.37 -22.78 -28.65
CA THR C 133 -5.50 -23.45 -29.27
C THR C 133 -6.76 -22.71 -28.85
N LEU C 134 -7.47 -22.14 -29.82
CA LEU C 134 -8.65 -21.33 -29.58
C LEU C 134 -9.90 -22.07 -30.03
N PHE C 135 -10.91 -22.13 -29.16
CA PHE C 135 -12.15 -22.84 -29.44
C PHE C 135 -13.31 -21.85 -29.54
N PRO C 136 -14.13 -21.95 -30.59
CA PRO C 136 -15.32 -21.10 -30.70
C PRO C 136 -16.42 -21.59 -29.78
N PRO C 137 -17.50 -20.82 -29.63
CA PRO C 137 -18.63 -21.30 -28.82
C PRO C 137 -19.28 -22.52 -29.47
N SER C 138 -19.58 -23.52 -28.63
CA SER C 138 -20.26 -24.70 -29.12
C SER C 138 -21.69 -24.37 -29.53
N SER C 139 -22.25 -25.21 -30.40
CA SER C 139 -23.63 -25.02 -30.84
C SER C 139 -24.61 -25.23 -29.69
N GLU C 140 -24.25 -26.04 -28.71
CA GLU C 140 -25.12 -26.23 -27.55
C GLU C 140 -25.16 -24.99 -26.67
N GLU C 141 -24.01 -24.34 -26.48
CA GLU C 141 -23.98 -23.12 -25.69
C GLU C 141 -24.73 -22.00 -26.40
N LEU C 142 -24.56 -21.88 -27.72
CA LEU C 142 -25.30 -20.88 -28.47
C LEU C 142 -26.81 -21.11 -28.38
N GLN C 143 -27.24 -22.37 -28.30
CA GLN C 143 -28.65 -22.69 -28.12
C GLN C 143 -29.13 -22.40 -26.70
N ALA C 144 -28.22 -22.21 -25.75
CA ALA C 144 -28.56 -21.78 -24.41
C ALA C 144 -28.49 -20.26 -24.25
N ASN C 145 -28.39 -19.53 -25.37
CA ASN C 145 -28.27 -18.07 -25.38
C ASN C 145 -27.03 -17.61 -24.63
N LYS C 146 -25.94 -18.36 -24.79
CA LYS C 146 -24.64 -18.02 -24.21
C LYS C 146 -23.55 -18.28 -25.23
N ALA C 147 -22.38 -17.72 -24.98
CA ALA C 147 -21.24 -17.90 -25.88
C ALA C 147 -19.96 -17.63 -25.12
N THR C 148 -18.99 -18.53 -25.24
CA THR C 148 -17.72 -18.41 -24.54
C THR C 148 -16.59 -18.89 -25.44
N LEU C 149 -15.59 -18.04 -25.64
CA LEU C 149 -14.37 -18.42 -26.34
C LEU C 149 -13.36 -18.93 -25.32
N VAL C 150 -12.69 -20.03 -25.67
CA VAL C 150 -11.72 -20.68 -24.78
C VAL C 150 -10.37 -20.66 -25.47
N CYS C 151 -9.44 -19.90 -24.92
CA CYS C 151 -8.07 -19.82 -25.43
C CYS C 151 -7.16 -20.57 -24.47
N LEU C 152 -6.56 -21.66 -24.96
CA LEU C 152 -5.75 -22.54 -24.13
C LEU C 152 -4.28 -22.35 -24.48
N ILE C 153 -3.47 -22.05 -23.47
CA ILE C 153 -2.07 -21.72 -23.62
C ILE C 153 -1.25 -22.72 -22.80
N SER C 154 -0.30 -23.39 -23.45
CA SER C 154 0.43 -24.45 -22.77
C SER C 154 1.85 -24.55 -23.32
N ASP C 155 2.71 -25.21 -22.55
CA ASP C 155 4.07 -25.56 -22.95
C ASP C 155 4.91 -24.32 -23.27
N PHE C 156 4.85 -23.34 -22.39
CA PHE C 156 5.69 -22.15 -22.50
C PHE C 156 6.56 -21.99 -21.27
N TYR C 157 7.78 -21.48 -21.49
CA TYR C 157 8.74 -21.25 -20.43
C TYR C 157 9.57 -20.05 -20.85
N PRO C 158 9.78 -19.06 -19.96
CA PRO C 158 9.30 -18.97 -18.57
C PRO C 158 7.78 -18.82 -18.43
N GLY C 159 7.30 -19.00 -17.20
CA GLY C 159 5.87 -19.05 -16.96
C GLY C 159 5.22 -17.70 -16.68
N ALA C 160 5.13 -16.86 -17.71
CA ALA C 160 4.44 -15.58 -17.61
C ALA C 160 4.04 -15.14 -19.01
N VAL C 161 2.86 -14.56 -19.13
CA VAL C 161 2.26 -14.32 -20.44
C VAL C 161 1.19 -13.24 -20.28
N THR C 162 1.03 -12.41 -21.31
CA THR C 162 -0.08 -11.46 -21.41
C THR C 162 -1.02 -11.93 -22.53
N VAL C 163 -2.31 -11.95 -22.23
CA VAL C 163 -3.34 -12.38 -23.18
C VAL C 163 -4.17 -11.18 -23.58
N ALA C 164 -4.32 -10.96 -24.89
CA ALA C 164 -5.10 -9.86 -25.42
C ALA C 164 -6.12 -10.41 -26.42
N TRP C 165 -7.36 -9.98 -26.29
CA TRP C 165 -8.44 -10.40 -27.17
C TRP C 165 -8.77 -9.31 -28.17
N LYS C 166 -9.23 -9.73 -29.34
CA LYS C 166 -9.53 -8.81 -30.43
C LYS C 166 -10.84 -9.23 -31.10
N ALA C 167 -11.79 -8.30 -31.16
CA ALA C 167 -12.98 -8.46 -31.99
C ALA C 167 -12.70 -7.82 -33.34
N ASP C 168 -12.86 -8.59 -34.42
CA ASP C 168 -12.40 -8.18 -35.74
C ASP C 168 -10.93 -7.79 -35.67
N SER C 169 -10.66 -6.50 -35.54
CA SER C 169 -9.29 -6.01 -35.36
C SER C 169 -9.17 -5.03 -34.20
N SER C 170 -10.30 -4.64 -33.54
CA SER C 170 -10.31 -3.74 -32.39
C SER C 170 -10.22 -4.53 -31.09
N PRO C 171 -9.64 -3.95 -30.05
CA PRO C 171 -9.44 -4.70 -28.80
C PRO C 171 -10.75 -4.96 -28.07
N VAL C 172 -10.70 -5.91 -27.13
CA VAL C 172 -11.81 -6.26 -26.28
C VAL C 172 -11.28 -6.49 -24.88
N LYS C 173 -11.81 -5.74 -23.90
CA LYS C 173 -11.39 -5.89 -22.51
C LYS C 173 -12.50 -6.39 -21.60
N ALA C 174 -13.76 -6.23 -21.98
CA ALA C 174 -14.88 -6.67 -21.17
C ALA C 174 -15.15 -8.16 -21.40
N GLY C 175 -15.42 -8.88 -20.31
CA GLY C 175 -15.70 -10.29 -20.39
C GLY C 175 -14.49 -11.19 -20.52
N VAL C 176 -13.30 -10.69 -20.19
CA VAL C 176 -12.07 -11.47 -20.28
C VAL C 176 -11.68 -11.93 -18.88
N GLU C 177 -11.46 -13.24 -18.73
CA GLU C 177 -10.97 -13.82 -17.49
C GLU C 177 -9.83 -14.77 -17.84
N THR C 178 -8.70 -14.62 -17.17
CA THR C 178 -7.50 -15.39 -17.50
C THR C 178 -6.91 -16.00 -16.24
N THR C 179 -6.52 -17.27 -16.33
CA THR C 179 -5.82 -17.91 -15.23
C THR C 179 -4.40 -17.38 -15.11
N THR C 180 -3.87 -17.42 -13.91
CA THR C 180 -2.45 -17.18 -13.72
C THR C 180 -1.68 -18.44 -14.11
N PRO C 181 -0.44 -18.28 -14.58
CA PRO C 181 0.31 -19.44 -15.06
C PRO C 181 0.50 -20.49 -13.96
N SER C 182 0.42 -21.76 -14.36
CA SER C 182 0.58 -22.88 -13.45
C SER C 182 1.59 -23.86 -14.02
N LYS C 183 2.43 -24.43 -13.16
CA LYS C 183 3.49 -25.31 -13.61
C LYS C 183 2.91 -26.66 -14.01
N GLN C 184 3.37 -27.18 -15.15
CA GLN C 184 2.93 -28.47 -15.65
C GLN C 184 3.76 -29.59 -15.03
N SER C 185 3.55 -30.82 -15.52
CA SER C 185 4.34 -31.96 -15.07
C SER C 185 5.74 -31.98 -15.68
N ASN C 186 5.94 -31.33 -16.82
CA ASN C 186 7.25 -31.24 -17.47
C ASN C 186 8.03 -29.99 -17.05
N ASN C 187 7.60 -29.32 -15.97
CA ASN C 187 8.19 -28.09 -15.45
C ASN C 187 8.07 -26.91 -16.40
N LYS C 188 7.25 -27.03 -17.46
CA LYS C 188 6.81 -25.89 -18.24
C LYS C 188 5.50 -25.37 -17.64
N TYR C 189 4.91 -24.36 -18.27
CA TYR C 189 3.76 -23.68 -17.71
C TYR C 189 2.61 -23.65 -18.69
N ALA C 190 1.41 -23.42 -18.15
CA ALA C 190 0.19 -23.40 -18.93
C ALA C 190 -0.79 -22.43 -18.30
N ALA C 191 -1.69 -21.91 -19.13
CA ALA C 191 -2.72 -20.99 -18.67
C ALA C 191 -3.89 -21.05 -19.65
N SER C 192 -5.00 -20.44 -19.26
CA SER C 192 -6.19 -20.40 -20.09
C SER C 192 -6.89 -19.06 -19.91
N SER C 193 -7.54 -18.60 -20.99
CA SER C 193 -8.27 -17.35 -20.98
C SER C 193 -9.65 -17.57 -21.59
N TYR C 194 -10.66 -16.95 -21.01
CA TYR C 194 -12.04 -17.10 -21.42
C TYR C 194 -12.62 -15.74 -21.79
N LEU C 195 -13.30 -15.67 -22.94
CA LEU C 195 -13.99 -14.47 -23.37
C LEU C 195 -15.48 -14.76 -23.40
N SER C 196 -16.22 -14.24 -22.42
CA SER C 196 -17.66 -14.45 -22.36
C SER C 196 -18.37 -13.43 -23.24
N LEU C 197 -19.21 -13.92 -24.16
CA LEU C 197 -19.91 -13.08 -25.11
C LEU C 197 -21.39 -13.45 -25.13
N THR C 198 -22.18 -12.54 -25.71
CA THR C 198 -23.54 -12.90 -26.07
C THR C 198 -23.55 -13.53 -27.46
N PRO C 199 -24.52 -14.39 -27.76
CA PRO C 199 -24.57 -14.99 -29.11
C PRO C 199 -24.67 -13.95 -30.22
N GLU C 200 -25.22 -12.77 -29.92
CA GLU C 200 -25.34 -11.71 -30.93
C GLU C 200 -23.99 -11.06 -31.22
N GLN C 201 -23.18 -10.83 -30.18
CA GLN C 201 -21.83 -10.30 -30.40
C GLN C 201 -20.96 -11.29 -31.17
N TRP C 202 -21.14 -12.59 -30.93
CA TRP C 202 -20.32 -13.59 -31.59
C TRP C 202 -20.56 -13.60 -33.10
N LYS C 203 -21.80 -13.43 -33.53
CA LYS C 203 -22.15 -13.50 -34.94
C LYS C 203 -22.08 -12.15 -35.64
N SER C 204 -21.96 -11.05 -34.90
CA SER C 204 -21.85 -9.73 -35.51
C SER C 204 -20.47 -9.53 -36.14
N HIS C 205 -19.42 -9.69 -35.35
CA HIS C 205 -18.06 -9.52 -35.84
C HIS C 205 -17.65 -10.70 -36.70
N ARG C 206 -16.79 -10.43 -37.69
CA ARG C 206 -16.37 -11.46 -38.63
C ARG C 206 -15.38 -12.46 -38.03
N SER C 207 -14.66 -12.08 -36.99
CA SER C 207 -13.74 -13.02 -36.35
C SER C 207 -13.33 -12.46 -34.99
N TYR C 208 -12.92 -13.37 -34.11
CA TYR C 208 -12.31 -13.04 -32.83
C TYR C 208 -10.94 -13.68 -32.76
N SER C 209 -9.98 -12.98 -32.13
CA SER C 209 -8.60 -13.44 -32.06
C SER C 209 -8.12 -13.44 -30.63
N CYS C 210 -7.29 -14.43 -30.30
CA CYS C 210 -6.63 -14.53 -29.00
C CYS C 210 -5.14 -14.30 -29.23
N GLN C 211 -4.62 -13.20 -28.69
CA GLN C 211 -3.21 -12.84 -28.83
C GLN C 211 -2.47 -13.17 -27.53
N VAL C 212 -1.33 -13.83 -27.66
CA VAL C 212 -0.59 -14.36 -26.53
C VAL C 212 0.86 -13.90 -26.66
N THR C 213 1.28 -12.99 -25.78
CA THR C 213 2.61 -12.41 -25.82
C THR C 213 3.53 -13.13 -24.84
N HIS C 214 4.75 -13.43 -25.29
CA HIS C 214 5.71 -14.17 -24.47
C HIS C 214 7.11 -13.85 -24.98
N GLU C 215 7.88 -13.11 -24.19
CA GLU C 215 9.27 -12.77 -24.51
C GLU C 215 9.37 -12.08 -25.87
N GLY C 216 8.62 -10.99 -26.01
CA GLY C 216 8.65 -10.22 -27.26
C GLY C 216 7.75 -10.71 -28.38
N SER C 217 7.77 -12.00 -28.67
CA SER C 217 6.95 -12.54 -29.74
C SER C 217 5.53 -12.79 -29.26
N THR C 218 4.59 -12.78 -30.21
CA THR C 218 3.17 -12.96 -29.93
C THR C 218 2.61 -14.05 -30.84
N VAL C 219 1.88 -14.99 -30.24
CA VAL C 219 1.20 -16.05 -30.97
C VAL C 219 -0.29 -15.73 -30.98
N GLU C 220 -0.89 -15.76 -32.16
CA GLU C 220 -2.28 -15.35 -32.34
C GLU C 220 -3.09 -16.46 -33.01
N LYS C 221 -4.28 -16.71 -32.49
CA LYS C 221 -5.22 -17.67 -33.05
C LYS C 221 -6.57 -16.98 -33.24
N THR C 222 -7.26 -17.33 -34.32
CA THR C 222 -8.47 -16.65 -34.72
C THR C 222 -9.57 -17.65 -35.03
N VAL C 223 -10.80 -17.34 -34.61
CA VAL C 223 -11.97 -18.15 -34.88
C VAL C 223 -13.06 -17.27 -35.48
N ALA C 224 -13.90 -17.87 -36.31
CA ALA C 224 -14.95 -17.17 -37.03
C ALA C 224 -16.28 -17.87 -36.80
N PRO C 225 -17.40 -17.15 -36.97
CA PRO C 225 -18.71 -17.77 -36.78
C PRO C 225 -18.97 -18.88 -37.79
N THR C 226 -19.69 -19.91 -37.33
CA THR C 226 -20.08 -21.06 -38.15
C THR C 226 -18.88 -21.69 -38.87
#